data_1ZGI
#
_entry.id   1ZGI
#
_cell.length_a   70.93
_cell.length_b   71.98
_cell.length_c   73.07
_cell.angle_alpha   90.
_cell.angle_beta   100.85
_cell.angle_gamma   90.
#
_symmetry.space_group_name_H-M   'C 1 2 1'
#
loop_
_entity.id
_entity.type
_entity.pdbx_description
1 polymer Thrombin
2 polymer Hirudin
3 non-polymer (R)-2-(2-(1H-1,2,4-TRIAZOL-1-YL)BENZYL)-N-(2,2-DIFLUORO-2-(PIPERIDIN-2-YL)ETHYL)OXAZOLO[4,5-C]PYRIDIN-4-AMINE
4 water water
#
loop_
_entity_poly.entity_id
_entity_poly.type
_entity_poly.pdbx_seq_one_letter_code
_entity_poly.pdbx_strand_id
1 'polypeptide(L)'
;DCGLRPLFEKKSLEDKTERELLESYIDGRIVEGSDAEIGMSPWQVMLFRKSPQELLCGASLISDRWVLTAAHCLLYPPWD
KNFTENDLLVRIGKHSRTRYERNIEKISMLEKIYIHPRYNWRENLDRDIALMKLKKPVAFSDYIHPVCLPDRETAASLLQ
AGYKGRVTGWGNLKETWTANVGKGQPSVLQVVNLPIVERPVCKDSTRIRITDNMFCAGYKPDEGKRGDACEGDSGGPFVM
KSPFNNRWYQMGIVSWGEGCDRDGKYGFYTHVFRLKKWIQKVIDQFG
;
A
2 'polypeptide(L)' DFEEIPEE(TYS)L B
#
# COMPACT_ATOMS: atom_id res chain seq x y z
N ASP A 1 16.78 -8.39 6.09
CA ASP A 1 15.72 -9.19 6.77
C ASP A 1 14.32 -8.90 6.23
N CYS A 2 14.19 -7.80 5.49
CA CYS A 2 12.92 -7.39 4.91
C CYS A 2 12.22 -8.45 4.04
N GLY A 3 10.91 -8.28 3.90
CA GLY A 3 10.13 -9.17 3.06
C GLY A 3 9.98 -10.63 3.45
N LEU A 4 10.52 -11.03 4.60
CA LEU A 4 10.37 -12.41 5.05
C LEU A 4 9.42 -12.36 6.23
N ARG A 5 8.24 -12.96 6.04
CA ARG A 5 7.20 -12.96 7.07
C ARG A 5 7.37 -14.00 8.18
N PRO A 6 7.34 -13.55 9.45
CA PRO A 6 7.48 -14.43 10.61
C PRO A 6 6.57 -15.66 10.57
N LEU A 7 5.29 -15.48 10.25
CA LEU A 7 4.36 -16.60 10.23
C LEU A 7 4.27 -17.34 8.90
N PHE A 8 5.10 -16.97 7.94
CA PHE A 8 5.06 -17.70 6.68
C PHE A 8 6.43 -18.15 6.21
N GLU A 9 7.16 -17.28 5.51
CA GLU A 9 8.49 -17.63 5.02
C GLU A 9 9.41 -18.19 6.09
N LYS A 10 9.52 -17.48 7.21
CA LYS A 10 10.37 -17.94 8.31
C LYS A 10 10.06 -19.33 8.81
N LYS A 11 8.82 -19.77 8.62
CA LYS A 11 8.41 -21.10 9.07
C LYS A 11 8.16 -22.02 7.88
N SER A 12 8.52 -21.55 6.69
CA SER A 12 8.30 -22.31 5.47
C SER A 12 6.83 -22.68 5.28
N LEU A 13 5.94 -21.76 5.65
CA LEU A 13 4.51 -21.96 5.47
C LEU A 13 4.09 -20.93 4.42
N GLU A 14 3.13 -21.26 3.57
CA GLU A 14 2.69 -20.32 2.55
C GLU A 14 1.24 -19.94 2.73
N ASP A 15 0.90 -18.67 2.46
CA ASP A 15 -0.48 -18.23 2.60
C ASP A 15 -1.31 -18.89 1.49
N LYS A 16 -2.63 -18.88 1.64
CA LYS A 16 -3.49 -19.53 0.68
C LYS A 16 -3.56 -19.12 -0.78
N THR A 17 -3.04 -17.95 -1.14
CA THR A 17 -3.11 -17.55 -2.54
C THR A 17 -1.79 -17.10 -3.16
N GLU A 18 -0.70 -17.18 -2.41
CA GLU A 18 0.59 -16.76 -2.96
C GLU A 18 1.00 -17.53 -4.20
N ARG A 19 0.59 -18.79 -4.27
CA ARG A 19 0.90 -19.63 -5.43
C ARG A 19 0.34 -19.05 -6.72
N GLU A 20 -0.73 -18.26 -6.62
CA GLU A 20 -1.34 -17.64 -7.79
C GLU A 20 -0.37 -16.60 -8.36
N LEU A 21 0.36 -15.94 -7.45
CA LEU A 21 1.34 -14.94 -7.86
C LEU A 21 2.49 -15.62 -8.59
N LEU A 22 3.08 -16.62 -7.95
CA LEU A 22 4.21 -17.34 -8.52
C LEU A 22 3.85 -17.97 -9.86
N GLU A 23 2.63 -18.49 -9.99
CA GLU A 23 2.21 -19.10 -11.25
C GLU A 23 2.08 -18.11 -12.40
N SER A 24 1.97 -16.83 -12.10
CA SER A 24 1.83 -15.82 -13.15
C SER A 24 3.19 -15.33 -13.64
N TYR A 25 4.24 -15.60 -12.87
CA TYR A 25 5.58 -15.18 -13.27
C TYR A 25 6.12 -16.25 -14.22
N ILE A 26 5.50 -16.36 -15.39
CA ILE A 26 5.89 -17.35 -16.39
C ILE A 26 7.22 -17.03 -17.06
N ILE A 30 -11.02 -2.49 -0.55
CA ILE A 30 -10.82 -3.54 -1.57
C ILE A 30 -12.15 -4.15 -2.00
N VAL A 31 -12.35 -4.22 -3.32
CA VAL A 31 -13.56 -4.77 -3.92
C VAL A 31 -13.28 -6.16 -4.46
N GLU A 32 -14.16 -7.10 -4.16
CA GLU A 32 -14.02 -8.49 -4.61
C GLU A 32 -12.77 -9.17 -4.08
N GLY A 33 -12.34 -8.78 -2.89
CA GLY A 33 -11.16 -9.39 -2.30
C GLY A 33 -11.59 -10.45 -1.29
N SER A 34 -10.64 -10.95 -0.51
CA SER A 34 -10.95 -11.94 0.51
C SER A 34 -10.28 -11.53 1.81
N ASP A 35 -10.67 -12.15 2.91
CA ASP A 35 -10.10 -11.83 4.21
C ASP A 35 -8.63 -12.26 4.26
N ALA A 36 -7.79 -11.40 4.82
CA ALA A 36 -6.37 -11.69 4.95
C ALA A 36 -6.14 -12.62 6.14
N GLU A 37 -5.16 -13.50 6.02
CA GLU A 37 -4.80 -14.41 7.11
C GLU A 37 -3.99 -13.57 8.08
N ILE A 38 -3.88 -14.02 9.33
CA ILE A 38 -3.13 -13.30 10.33
C ILE A 38 -1.66 -13.32 9.92
N GLY A 39 -0.98 -12.18 10.07
CA GLY A 39 0.43 -12.11 9.72
C GLY A 39 0.72 -12.17 8.23
N MET A 40 -0.31 -12.09 7.39
CA MET A 40 -0.13 -12.13 5.94
C MET A 40 0.58 -10.90 5.36
N SER A 41 0.33 -9.73 5.95
CA SER A 41 0.98 -8.50 5.47
C SER A 41 1.46 -7.72 6.69
N PRO A 42 2.52 -8.22 7.34
CA PRO A 42 3.07 -7.56 8.54
C PRO A 42 3.58 -6.14 8.31
N TRP A 43 3.65 -5.70 7.05
CA TRP A 43 4.09 -4.35 6.73
C TRP A 43 2.90 -3.42 6.51
N GLN A 44 1.69 -3.96 6.51
CA GLN A 44 0.51 -3.13 6.31
C GLN A 44 0.38 -2.12 7.45
N VAL A 45 0.23 -0.86 7.09
CA VAL A 45 0.11 0.22 8.07
C VAL A 45 -1.22 0.93 7.87
N MET A 46 -1.79 1.44 8.96
CA MET A 46 -3.04 2.17 8.91
C MET A 46 -2.80 3.62 9.29
N LEU A 47 -3.20 4.54 8.41
CA LEU A 47 -3.06 5.97 8.70
C LEU A 47 -4.39 6.28 9.39
N PHE A 48 -4.30 6.74 10.63
CA PHE A 48 -5.49 7.02 11.43
C PHE A 48 -5.60 8.49 11.83
N ARG A 49 -6.77 9.06 11.61
CA ARG A 49 -7.01 10.45 11.96
C ARG A 49 -7.46 10.55 13.42
N LYS A 50 -6.87 11.47 14.17
CA LYS A 50 -7.22 11.63 15.57
C LYS A 50 -8.62 12.23 15.78
N SER A 51 -8.81 13.48 15.36
CA SER A 51 -10.08 14.18 15.52
C SER A 51 -10.75 14.54 14.20
N PRO A 52 -11.82 13.80 13.82
CA PRO A 52 -12.43 12.68 14.52
C PRO A 52 -11.65 11.40 14.26
N GLN A 53 -11.92 10.36 15.03
CA GLN A 53 -11.21 9.09 14.84
C GLN A 53 -11.73 8.35 13.62
N GLU A 54 -10.90 8.28 12.58
CA GLU A 54 -11.30 7.59 11.36
C GLU A 54 -10.10 7.13 10.52
N LEU A 55 -10.38 6.17 9.64
CA LEU A 55 -9.36 5.60 8.74
C LEU A 55 -9.10 6.59 7.62
N LEU A 56 -7.86 7.03 7.48
CA LEU A 56 -7.51 7.96 6.42
C LEU A 56 -7.05 7.21 5.18
N CYS A 57 -6.00 6.38 5.34
CA CYS A 57 -5.43 5.60 4.23
C CYS A 57 -4.59 4.42 4.69
N GLY A 58 -4.09 3.69 3.69
CA GLY A 58 -3.20 2.57 3.92
C GLY A 58 -1.78 3.12 3.88
N ALA A 59 -0.82 2.28 4.20
CA ALA A 59 0.59 2.69 4.20
C ALA A 59 1.44 1.44 4.40
N SER A 60 2.76 1.56 4.34
CA SER A 60 3.61 0.39 4.52
C SER A 60 4.86 0.69 5.33
N LEU A 61 5.30 -0.30 6.07
CA LEU A 61 6.49 -0.19 6.91
C LEU A 61 7.70 -0.67 6.12
N ILE A 62 8.68 0.20 5.88
CA ILE A 62 9.85 -0.20 5.12
C ILE A 62 11.14 -0.27 5.95
N SER A 63 11.03 0.04 7.24
CA SER A 63 12.14 -0.01 8.20
C SER A 63 11.51 0.18 9.58
N ASP A 64 12.30 0.10 10.65
CA ASP A 64 11.73 0.27 11.99
C ASP A 64 11.31 1.71 12.28
N ARG A 65 11.75 2.64 11.43
CA ARG A 65 11.43 4.05 11.64
C ARG A 65 10.71 4.74 10.47
N TRP A 66 10.58 4.08 9.31
CA TRP A 66 9.93 4.71 8.17
C TRP A 66 8.67 4.07 7.62
N VAL A 67 7.72 4.91 7.23
CA VAL A 67 6.46 4.46 6.66
C VAL A 67 6.27 5.15 5.32
N LEU A 68 5.85 4.38 4.32
CA LEU A 68 5.65 4.88 2.97
C LEU A 68 4.16 4.91 2.63
N THR A 69 3.69 5.99 2.03
CA THR A 69 2.29 6.09 1.66
C THR A 69 2.10 7.02 0.44
N ALA A 70 0.86 7.23 0.05
CA ALA A 70 0.55 8.10 -1.09
C ALA A 70 0.47 9.55 -0.60
N ALA A 71 1.13 10.46 -1.32
CA ALA A 71 1.12 11.87 -0.94
C ALA A 71 -0.28 12.50 -0.88
N HIS A 72 -1.23 12.02 -1.69
CA HIS A 72 -2.54 12.63 -1.67
C HIS A 72 -3.34 12.29 -0.41
N CYS A 73 -2.80 11.38 0.40
CA CYS A 73 -3.43 11.00 1.66
C CYS A 73 -3.23 12.14 2.66
N LEU A 74 -2.16 12.90 2.46
CA LEU A 74 -1.83 14.00 3.35
C LEU A 74 -2.12 15.38 2.76
N LEU A 75 -1.79 15.56 1.49
CA LEU A 75 -2.00 16.84 0.83
C LEU A 75 -2.79 16.74 -0.47
N TYR A 76 -3.95 17.37 -0.49
CA TYR A 76 -4.79 17.40 -1.68
C TYR A 76 -5.72 18.62 -1.61
N PRO A 77 -5.21 19.79 -2.00
CA PRO A 77 -5.95 21.07 -2.00
C PRO A 77 -7.38 21.04 -2.56
N PRO A 78 -7.63 20.26 -3.62
CA PRO A 78 -8.99 20.22 -4.17
C PRO A 78 -10.08 19.91 -3.13
N TRP A 79 -9.70 19.23 -2.05
CA TRP A 79 -10.65 18.89 -0.99
C TRP A 79 -10.14 19.45 0.34
N ASP A 80 -9.44 20.57 0.27
CA ASP A 80 -8.86 21.23 1.44
C ASP A 80 -8.17 20.27 2.40
N LYS A 81 -7.66 19.17 1.86
CA LYS A 81 -6.97 18.18 2.67
C LYS A 81 -5.50 18.56 2.80
N ASN A 82 -5.05 18.80 4.03
CA ASN A 82 -3.67 19.16 4.30
C ASN A 82 -3.37 18.83 5.76
N PHE A 83 -2.87 17.62 6.00
CA PHE A 83 -2.56 17.15 7.35
C PHE A 83 -1.11 17.37 7.73
N THR A 84 -0.86 17.58 9.02
CA THR A 84 0.49 17.75 9.54
C THR A 84 0.82 16.55 10.43
N GLU A 85 2.00 16.54 11.03
CA GLU A 85 2.42 15.44 11.88
C GLU A 85 1.51 15.25 13.11
N ASN A 86 1.08 16.36 13.71
CA ASN A 86 0.24 16.33 14.90
C ASN A 86 -1.22 15.93 14.68
N ASP A 87 -1.64 15.76 13.42
CA ASP A 87 -3.02 15.40 13.13
C ASP A 87 -3.20 13.91 12.91
N LEU A 88 -2.09 13.20 12.71
CA LEU A 88 -2.17 11.78 12.41
C LEU A 88 -1.50 10.83 13.38
N LEU A 89 -1.89 9.56 13.27
CA LEU A 89 -1.35 8.47 14.06
C LEU A 89 -1.14 7.32 13.09
N VAL A 90 -0.12 6.51 13.36
CA VAL A 90 0.21 5.35 12.55
C VAL A 90 -0.03 4.10 13.37
N ARG A 91 -0.87 3.20 12.87
CA ARG A 91 -1.19 1.94 13.55
C ARG A 91 -0.62 0.75 12.79
N ILE A 92 0.36 0.09 13.41
CA ILE A 92 1.07 -1.05 12.81
C ILE A 92 0.75 -2.39 13.46
N GLY A 93 0.65 -3.44 12.64
CA GLY A 93 0.38 -4.78 13.13
C GLY A 93 -1.08 -5.14 13.26
N LYS A 94 -1.95 -4.32 12.69
CA LYS A 94 -3.39 -4.57 12.79
C LYS A 94 -3.95 -5.62 11.85
N HIS A 95 -5.15 -6.07 12.19
CA HIS A 95 -5.89 -7.05 11.40
C HIS A 95 -7.32 -6.54 11.32
N SER A 96 -7.89 -6.25 12.49
CA SER A 96 -9.25 -5.73 12.57
C SER A 96 -9.22 -4.25 12.24
N ARG A 97 -10.21 -3.79 11.47
CA ARG A 97 -10.28 -2.38 11.08
C ARG A 97 -10.62 -1.43 12.22
N THR A 98 -11.65 -1.73 13.00
CA THR A 98 -12.08 -0.84 14.07
C THR A 98 -11.65 -1.12 15.50
N ARG A 99 -11.43 -2.39 15.83
CA ARG A 99 -11.03 -2.76 17.19
C ARG A 99 -9.60 -2.38 17.55
N TYR A 100 -9.38 -2.03 18.82
CA TYR A 100 -8.03 -1.70 19.29
C TYR A 100 -7.41 -3.04 19.69
N GLU A 101 -6.59 -3.61 18.82
CA GLU A 101 -5.94 -4.89 19.06
C GLU A 101 -4.87 -4.85 20.12
N ARG A 102 -5.32 -4.81 21.38
CA ARG A 102 -4.44 -4.75 22.56
C ARG A 102 -3.40 -5.87 22.54
N ASN A 103 -2.17 -5.49 22.86
CA ASN A 103 -1.05 -6.44 22.89
C ASN A 103 -0.58 -6.90 21.52
N ILE A 104 -1.23 -6.42 20.45
CA ILE A 104 -0.84 -6.82 19.11
C ILE A 104 -0.39 -5.64 18.26
N GLU A 105 -1.26 -4.67 18.08
CA GLU A 105 -0.93 -3.49 17.29
C GLU A 105 -0.09 -2.49 18.09
N LYS A 106 0.63 -1.63 17.38
CA LYS A 106 1.44 -0.59 18.00
C LYS A 106 1.03 0.73 17.32
N ILE A 107 0.92 1.78 18.12
CA ILE A 107 0.53 3.08 17.60
C ILE A 107 1.69 4.05 17.78
N SER A 108 2.02 4.79 16.73
CA SER A 108 3.14 5.73 16.82
C SER A 108 2.77 7.11 16.33
N MET A 109 3.45 8.10 16.88
CA MET A 109 3.25 9.49 16.49
C MET A 109 4.26 9.74 15.40
N LEU A 110 4.08 10.83 14.66
CA LEU A 110 4.99 11.14 13.57
C LEU A 110 5.96 12.25 13.91
N GLU A 111 7.20 12.09 13.47
CA GLU A 111 8.21 13.09 13.72
C GLU A 111 8.28 14.08 12.56
N LYS A 112 8.12 13.57 11.34
CA LYS A 112 8.17 14.43 10.17
C LYS A 112 7.59 13.76 8.93
N ILE A 113 6.91 14.57 8.12
CA ILE A 113 6.31 14.10 6.87
C ILE A 113 7.12 14.65 5.71
N TYR A 114 7.36 13.82 4.70
CA TYR A 114 8.10 14.25 3.52
C TYR A 114 7.34 13.93 2.25
N ILE A 115 6.84 14.97 1.59
CA ILE A 115 6.09 14.82 0.34
C ILE A 115 7.04 15.11 -0.82
N HIS A 116 6.97 14.32 -1.88
CA HIS A 116 7.83 14.55 -3.03
C HIS A 116 7.63 15.99 -3.53
N PRO A 117 8.73 16.75 -3.68
CA PRO A 117 8.68 18.14 -4.14
C PRO A 117 8.00 18.36 -5.48
N ARG A 118 7.90 17.32 -6.30
CA ARG A 118 7.24 17.44 -7.60
C ARG A 118 5.95 16.63 -7.69
N TYR A 119 5.30 16.43 -6.55
CA TYR A 119 4.03 15.72 -6.49
C TYR A 119 3.05 16.60 -7.27
N ASN A 120 2.38 16.06 -8.28
CA ASN A 120 1.44 16.84 -9.10
C ASN A 120 -0.02 16.61 -8.73
N TRP A 121 -0.50 17.31 -7.70
CA TRP A 121 -1.89 17.18 -7.28
C TRP A 121 -2.83 17.92 -8.21
N ARG A 122 -2.29 18.90 -8.93
CA ARG A 122 -3.10 19.70 -9.85
C ARG A 122 -3.69 18.95 -11.03
N GLU A 123 -2.95 17.97 -11.56
CA GLU A 123 -3.42 17.25 -12.74
C GLU A 123 -3.70 15.75 -12.70
N ASN A 124 -2.66 14.93 -12.54
CA ASN A 124 -2.83 13.48 -12.56
C ASN A 124 -2.22 12.70 -11.39
N LEU A 125 -1.90 13.39 -10.30
CA LEU A 125 -1.29 12.74 -9.14
C LEU A 125 0.02 12.03 -9.52
N ASP A 126 0.83 12.71 -10.34
CA ASP A 126 2.12 12.17 -10.74
C ASP A 126 3.02 12.28 -9.52
N ARG A 127 3.80 11.23 -9.25
CA ARG A 127 4.69 11.21 -8.10
C ARG A 127 3.90 11.27 -6.79
N ASP A 128 2.86 10.46 -6.70
CA ASP A 128 2.00 10.40 -5.52
C ASP A 128 2.70 9.50 -4.50
N ILE A 129 3.61 10.10 -3.74
CA ILE A 129 4.39 9.38 -2.75
C ILE A 129 4.84 10.30 -1.61
N ALA A 130 4.97 9.73 -0.42
CA ALA A 130 5.38 10.48 0.76
C ALA A 130 6.01 9.54 1.78
N LEU A 131 6.94 10.07 2.57
CA LEU A 131 7.60 9.31 3.62
C LEU A 131 7.23 9.89 4.96
N MET A 132 7.11 9.03 5.97
CA MET A 132 6.77 9.45 7.33
C MET A 132 7.80 8.87 8.28
N LYS A 133 8.44 9.75 9.06
CA LYS A 133 9.45 9.32 10.02
C LYS A 133 8.79 9.21 11.39
N LEU A 134 8.79 8.02 11.96
CA LEU A 134 8.17 7.79 13.27
C LEU A 134 9.01 8.44 14.36
N LYS A 135 8.36 8.91 15.42
CA LYS A 135 9.10 9.54 16.52
C LYS A 135 10.04 8.54 17.19
N LYS A 136 9.56 7.32 17.38
CA LYS A 136 10.35 6.26 18.01
C LYS A 136 10.27 4.98 17.19
N PRO A 137 11.39 4.25 17.08
CA PRO A 137 11.41 3.00 16.32
C PRO A 137 10.38 2.03 16.87
N VAL A 138 9.78 1.24 15.98
CA VAL A 138 8.81 0.25 16.44
C VAL A 138 9.51 -1.09 16.45
N ALA A 139 9.18 -1.92 17.43
CA ALA A 139 9.80 -3.23 17.53
C ALA A 139 9.04 -4.21 16.65
N PHE A 140 9.78 -5.05 15.94
CA PHE A 140 9.16 -6.03 15.07
C PHE A 140 8.58 -7.18 15.88
N SER A 141 7.67 -7.92 15.29
CA SER A 141 7.03 -9.05 15.95
C SER A 141 6.47 -9.95 14.87
N ASP A 142 5.67 -10.93 15.27
CA ASP A 142 5.05 -11.85 14.32
C ASP A 142 4.08 -11.13 13.39
N TYR A 143 3.60 -9.95 13.80
CA TYR A 143 2.62 -9.21 13.01
C TYR A 143 3.13 -7.87 12.46
N ILE A 144 4.36 -7.52 12.80
CA ILE A 144 4.97 -6.27 12.36
C ILE A 144 6.33 -6.60 11.76
N HIS A 145 6.47 -6.36 10.45
CA HIS A 145 7.72 -6.67 9.76
C HIS A 145 7.78 -5.86 8.43
N PRO A 146 8.90 -5.19 8.17
CA PRO A 146 9.04 -4.40 6.94
C PRO A 146 9.06 -5.17 5.63
N VAL A 147 8.66 -4.50 4.56
CA VAL A 147 8.65 -5.08 3.22
C VAL A 147 9.91 -4.55 2.55
N CYS A 148 10.39 -5.25 1.52
CA CYS A 148 11.59 -4.79 0.82
C CYS A 148 11.23 -3.76 -0.27
N LEU A 149 12.16 -2.84 -0.55
CA LEU A 149 12.00 -1.86 -1.64
C LEU A 149 12.75 -2.54 -2.78
N PRO A 150 12.22 -2.45 -4.01
CA PRO A 150 12.93 -3.11 -5.11
C PRO A 150 14.22 -2.46 -5.60
N ASP A 151 15.09 -3.31 -6.14
CA ASP A 151 16.35 -2.88 -6.71
C ASP A 151 16.06 -2.86 -8.21
N ARG A 152 16.90 -2.22 -9.01
CA ARG A 152 16.69 -2.14 -10.43
C ARG A 152 16.42 -3.48 -11.12
N GLU A 153 17.18 -4.50 -10.75
CA GLU A 153 17.05 -5.83 -11.34
C GLU A 153 15.72 -6.53 -11.01
N THR A 154 15.28 -6.44 -9.76
CA THR A 154 14.03 -7.06 -9.35
C THR A 154 12.85 -6.39 -10.05
N ALA A 155 12.89 -5.06 -10.13
CA ALA A 155 11.84 -4.30 -10.77
C ALA A 155 11.75 -4.68 -12.24
N ALA A 156 12.91 -4.78 -12.88
CA ALA A 156 12.97 -5.11 -14.29
C ALA A 156 12.39 -6.47 -14.64
N SER A 157 12.65 -7.48 -13.82
CA SER A 157 12.13 -8.82 -14.12
C SER A 157 10.75 -9.15 -13.60
N LEU A 158 10.21 -8.36 -12.68
CA LEU A 158 8.90 -8.63 -12.12
C LEU A 158 7.79 -7.70 -12.59
N LEU A 159 8.15 -6.46 -12.89
CA LEU A 159 7.16 -5.48 -13.34
C LEU A 159 6.81 -5.71 -14.81
N GLN A 160 6.14 -6.82 -15.10
CA GLN A 160 5.76 -7.16 -16.47
C GLN A 160 4.28 -7.48 -16.61
N ALA A 161 3.72 -7.13 -17.78
CA ALA A 161 2.31 -7.35 -18.09
C ALA A 161 1.88 -8.80 -17.89
N GLY A 162 0.81 -8.99 -17.13
CA GLY A 162 0.34 -10.34 -16.87
C GLY A 162 0.84 -10.89 -15.55
N TYR A 163 1.93 -10.32 -15.03
CA TYR A 163 2.47 -10.76 -13.75
C TYR A 163 1.56 -10.20 -12.65
N LYS A 164 1.14 -11.04 -11.72
CA LYS A 164 0.24 -10.60 -10.66
C LYS A 164 0.91 -10.06 -9.39
N GLY A 165 0.32 -8.98 -8.87
CA GLY A 165 0.81 -8.38 -7.65
C GLY A 165 -0.30 -8.53 -6.64
N ARG A 166 -0.09 -8.04 -5.40
CA ARG A 166 -1.09 -8.15 -4.35
C ARG A 166 -1.32 -6.82 -3.67
N VAL A 167 -2.58 -6.49 -3.41
CA VAL A 167 -2.94 -5.24 -2.76
C VAL A 167 -3.73 -5.53 -1.49
N THR A 168 -3.53 -4.74 -0.44
CA THR A 168 -4.24 -4.96 0.81
C THR A 168 -4.71 -3.63 1.38
N GLY A 169 -5.76 -3.69 2.19
CA GLY A 169 -6.27 -2.49 2.81
C GLY A 169 -7.63 -2.68 3.46
N TRP A 170 -8.06 -1.71 4.26
CA TRP A 170 -9.34 -1.78 4.94
C TRP A 170 -10.40 -0.93 4.23
N GLY A 171 -10.08 -0.50 3.01
CA GLY A 171 -10.99 0.34 2.26
C GLY A 171 -12.37 -0.25 2.00
N ASN A 172 -13.24 0.57 1.41
CA ASN A 172 -14.60 0.14 1.12
C ASN A 172 -14.61 -1.11 0.26
N LEU A 173 -15.63 -1.93 0.45
CA LEU A 173 -15.80 -3.17 -0.28
C LEU A 173 -16.58 -2.94 -1.57
N LYS A 174 -17.07 -1.72 -1.75
CA LYS A 174 -17.82 -1.35 -2.94
C LYS A 174 -17.75 0.16 -3.16
N GLU A 175 -17.91 0.58 -4.41
CA GLU A 175 -17.86 1.99 -4.75
C GLU A 175 -19.09 2.72 -4.18
N GLY A 184 -20.79 -1.90 4.18
CA GLY A 184 -19.94 -1.44 3.05
C GLY A 184 -18.46 -1.53 3.37
N GLN A 185 -18.13 -1.57 4.66
CA GLN A 185 -16.75 -1.64 5.08
C GLN A 185 -16.43 -3.05 5.62
N PRO A 186 -15.17 -3.50 5.48
CA PRO A 186 -14.77 -4.82 5.97
C PRO A 186 -14.49 -4.82 7.47
N SER A 187 -14.57 -6.00 8.08
CA SER A 187 -14.31 -6.10 9.50
C SER A 187 -12.80 -6.28 9.68
N VAL A 188 -12.18 -7.02 8.76
CA VAL A 188 -10.75 -7.24 8.83
C VAL A 188 -10.06 -6.90 7.50
N LEU A 189 -8.73 -6.87 7.54
CA LEU A 189 -7.91 -6.57 6.37
C LEU A 189 -8.31 -7.44 5.18
N GLN A 190 -8.52 -6.80 4.03
CA GLN A 190 -8.89 -7.52 2.81
C GLN A 190 -7.67 -7.67 1.90
N VAL A 191 -7.71 -8.64 1.00
CA VAL A 191 -6.59 -8.86 0.10
C VAL A 191 -7.08 -9.30 -1.27
N VAL A 192 -6.39 -8.88 -2.33
CA VAL A 192 -6.75 -9.29 -3.68
C VAL A 192 -5.50 -9.32 -4.55
N ASN A 193 -5.40 -10.33 -5.43
CA ASN A 193 -4.27 -10.47 -6.34
C ASN A 193 -4.67 -9.97 -7.73
N LEU A 194 -3.97 -8.96 -8.24
CA LEU A 194 -4.28 -8.38 -9.55
C LEU A 194 -3.13 -8.40 -10.57
N PRO A 195 -3.45 -8.63 -11.86
CA PRO A 195 -2.43 -8.66 -12.90
C PRO A 195 -2.00 -7.26 -13.35
N ILE A 196 -0.73 -7.08 -13.65
CA ILE A 196 -0.22 -5.81 -14.13
C ILE A 196 -0.74 -5.70 -15.57
N VAL A 197 -1.12 -4.50 -15.97
CA VAL A 197 -1.66 -4.32 -17.31
C VAL A 197 -0.74 -3.53 -18.23
N GLU A 198 -0.67 -3.95 -19.49
CA GLU A 198 0.15 -3.31 -20.51
C GLU A 198 -0.10 -1.79 -20.53
N ARG A 199 0.96 -1.00 -20.68
CA ARG A 199 0.83 0.45 -20.71
C ARG A 199 -0.20 0.98 -21.70
N PRO A 200 -0.18 0.50 -22.96
CA PRO A 200 -1.13 0.97 -23.97
C PRO A 200 -2.58 0.81 -23.50
N VAL A 201 -2.90 -0.35 -22.95
CA VAL A 201 -4.24 -0.61 -22.45
C VAL A 201 -4.57 0.38 -21.33
N CYS A 202 -3.59 0.68 -20.47
CA CYS A 202 -3.80 1.62 -19.38
C CYS A 202 -4.16 3.01 -19.95
N LYS A 203 -3.33 3.48 -20.88
CA LYS A 203 -3.54 4.78 -21.52
C LYS A 203 -4.91 4.92 -22.19
N ASP A 204 -5.33 3.89 -22.93
CA ASP A 204 -6.60 3.91 -23.64
C ASP A 204 -7.86 3.77 -22.79
N SER A 205 -7.71 3.51 -21.49
CA SER A 205 -8.88 3.35 -20.64
C SER A 205 -9.29 4.63 -19.92
N THR A 206 -8.49 5.68 -20.07
CA THR A 206 -8.78 6.94 -19.39
C THR A 206 -8.39 8.15 -20.22
N ARG A 207 -8.89 9.33 -19.82
CA ARG A 207 -8.61 10.59 -20.48
C ARG A 207 -7.40 11.23 -19.78
N ILE A 208 -7.12 10.74 -18.58
CA ILE A 208 -6.01 11.24 -17.77
C ILE A 208 -4.66 10.94 -18.38
N ARG A 209 -3.75 11.92 -18.32
CA ARG A 209 -2.40 11.74 -18.84
C ARG A 209 -1.59 10.86 -17.89
N ILE A 210 -1.23 9.67 -18.35
CA ILE A 210 -0.45 8.73 -17.56
C ILE A 210 1.06 8.97 -17.77
N THR A 211 1.84 8.97 -16.70
CA THR A 211 3.28 9.19 -16.82
C THR A 211 4.03 7.88 -16.61
N ASP A 212 5.37 7.94 -16.66
CA ASP A 212 6.21 6.77 -16.44
C ASP A 212 6.27 6.39 -14.96
N ASN A 213 5.91 7.34 -14.09
CA ASN A 213 5.92 7.08 -12.65
C ASN A 213 4.66 6.37 -12.20
N MET A 214 3.99 5.71 -13.13
CA MET A 214 2.78 5.00 -12.80
C MET A 214 2.68 3.70 -13.61
N PHE A 215 1.80 2.82 -13.14
CA PHE A 215 1.49 1.59 -13.85
C PHE A 215 0.07 1.28 -13.40
N CYS A 216 -0.67 0.52 -14.18
CA CYS A 216 -2.02 0.19 -13.77
C CYS A 216 -2.14 -1.31 -13.68
N ALA A 217 -3.13 -1.78 -12.94
CA ALA A 217 -3.37 -3.21 -12.75
C ALA A 217 -4.86 -3.49 -12.61
N GLY A 218 -5.26 -4.69 -12.97
CA GLY A 218 -6.66 -5.08 -12.89
C GLY A 218 -6.94 -6.10 -13.97
N TYR A 219 -8.09 -6.76 -13.90
CA TYR A 219 -8.44 -7.73 -14.91
C TYR A 219 -9.19 -7.02 -16.04
N LYS A 220 -9.10 -7.59 -17.24
CA LYS A 220 -9.78 -7.04 -18.41
C LYS A 220 -11.27 -7.36 -18.20
N PRO A 221 -12.17 -6.65 -18.88
CA PRO A 221 -13.60 -6.93 -18.72
C PRO A 221 -13.99 -8.34 -19.15
N ASP A 222 -13.16 -8.96 -19.98
CA ASP A 222 -13.46 -10.31 -20.47
C ASP A 222 -12.67 -11.40 -19.76
N GLU A 223 -11.89 -11.04 -18.75
CA GLU A 223 -11.11 -12.02 -18.00
C GLU A 223 -11.94 -12.77 -16.99
N GLY A 224 -13.13 -12.25 -16.69
CA GLY A 224 -14.00 -12.93 -15.75
C GLY A 224 -13.77 -12.50 -14.31
N LYS A 225 -12.52 -12.50 -13.87
CA LYS A 225 -12.20 -12.12 -12.50
C LYS A 225 -12.37 -10.62 -12.26
N ARG A 226 -12.66 -10.26 -11.02
CA ARG A 226 -12.87 -8.86 -10.64
C ARG A 226 -11.78 -8.49 -9.60
N GLY A 227 -11.90 -7.31 -9.02
CA GLY A 227 -10.92 -6.89 -8.02
C GLY A 227 -10.31 -5.53 -8.26
N ASP A 228 -10.24 -4.74 -7.20
CA ASP A 228 -9.69 -3.40 -7.31
C ASP A 228 -9.57 -2.78 -5.92
N ALA A 229 -8.82 -1.69 -5.82
CA ALA A 229 -8.69 -0.99 -4.56
C ALA A 229 -9.89 -0.07 -4.51
N CYS A 230 -10.05 0.67 -3.41
CA CYS A 230 -11.17 1.59 -3.28
C CYS A 230 -10.88 2.59 -2.16
N GLU A 231 -11.85 3.48 -1.89
CA GLU A 231 -11.68 4.51 -0.86
C GLU A 231 -11.12 3.91 0.43
N GLY A 232 -10.16 4.60 1.04
CA GLY A 232 -9.57 4.10 2.27
C GLY A 232 -8.31 3.29 1.99
N ASP A 233 -8.27 2.63 0.83
CA ASP A 233 -7.14 1.81 0.40
C ASP A 233 -5.92 2.61 -0.09
N SER A 234 -6.15 3.86 -0.50
CA SER A 234 -5.06 4.70 -1.01
C SER A 234 -3.87 4.67 -0.08
N GLY A 235 -2.68 4.78 -0.66
CA GLY A 235 -1.46 4.78 0.12
C GLY A 235 -1.00 3.39 0.51
N GLY A 236 -1.85 2.40 0.25
CA GLY A 236 -1.49 1.03 0.56
C GLY A 236 -0.45 0.45 -0.39
N PRO A 237 0.11 -0.71 -0.07
CA PRO A 237 1.13 -1.32 -0.94
C PRO A 237 0.65 -2.33 -1.97
N PHE A 238 1.32 -2.32 -3.12
CA PHE A 238 1.08 -3.28 -4.19
C PHE A 238 2.40 -4.06 -4.06
N VAL A 239 2.35 -5.33 -3.65
CA VAL A 239 3.58 -6.10 -3.46
C VAL A 239 3.66 -7.34 -4.32
N MET A 240 4.88 -7.78 -4.60
CA MET A 240 5.10 -9.00 -5.36
C MET A 240 6.12 -9.86 -4.64
N LYS A 241 6.03 -11.17 -4.82
CA LYS A 241 6.99 -12.07 -4.19
C LYS A 241 8.04 -12.50 -5.22
N SER A 242 9.30 -12.16 -4.97
CA SER A 242 10.36 -12.54 -5.88
C SER A 242 10.53 -14.06 -5.92
N PRO A 243 10.55 -14.65 -7.13
CA PRO A 243 10.71 -16.10 -7.16
C PRO A 243 12.20 -16.46 -7.07
N PHE A 244 13.04 -15.43 -7.00
CA PHE A 244 14.48 -15.61 -6.92
C PHE A 244 14.98 -15.79 -5.48
N ASN A 245 14.56 -14.90 -4.56
CA ASN A 245 15.00 -15.01 -3.18
C ASN A 245 13.85 -15.14 -2.17
N ASN A 246 12.64 -15.42 -2.69
CA ASN A 246 11.43 -15.58 -1.89
C ASN A 246 11.03 -14.42 -0.97
N ARG A 247 11.55 -13.23 -1.25
CA ARG A 247 11.20 -12.09 -0.44
C ARG A 247 10.06 -11.30 -1.07
N TRP A 248 9.36 -10.52 -0.26
CA TRP A 248 8.27 -9.70 -0.74
C TRP A 248 8.77 -8.29 -1.00
N TYR A 249 8.46 -7.77 -2.18
CA TYR A 249 8.90 -6.45 -2.56
C TYR A 249 7.71 -5.56 -2.87
N GLN A 250 7.80 -4.29 -2.47
CA GLN A 250 6.74 -3.34 -2.73
C GLN A 250 6.99 -2.67 -4.08
N MET A 251 6.21 -3.02 -5.10
CA MET A 251 6.40 -2.44 -6.43
C MET A 251 5.58 -1.17 -6.63
N GLY A 252 4.40 -1.10 -6.03
CA GLY A 252 3.58 0.08 -6.18
C GLY A 252 2.84 0.58 -4.95
N ILE A 253 2.26 1.78 -5.08
CA ILE A 253 1.48 2.41 -4.03
C ILE A 253 0.10 2.73 -4.62
N VAL A 254 -0.96 2.27 -3.99
CA VAL A 254 -2.31 2.55 -4.47
C VAL A 254 -2.43 4.08 -4.60
N SER A 255 -2.68 4.56 -5.81
CA SER A 255 -2.76 6.00 -6.02
C SER A 255 -4.16 6.51 -6.39
N TRP A 256 -4.70 6.04 -7.51
CA TRP A 256 -6.02 6.51 -7.91
C TRP A 256 -6.71 5.61 -8.90
N GLY A 257 -7.97 5.93 -9.13
CA GLY A 257 -8.80 5.19 -10.06
C GLY A 257 -10.10 5.93 -10.27
N GLU A 258 -10.80 5.61 -11.34
CA GLU A 258 -12.08 6.23 -11.66
C GLU A 258 -13.11 5.22 -11.18
N GLY A 259 -13.66 5.44 -9.99
CA GLY A 259 -14.61 4.50 -9.44
C GLY A 259 -13.87 3.29 -8.90
N CYS A 260 -14.57 2.18 -8.70
CA CYS A 260 -13.93 0.97 -8.19
C CYS A 260 -14.46 -0.27 -8.90
N ASP A 261 -13.54 -1.11 -9.34
CA ASP A 261 -13.87 -2.35 -10.03
C ASP A 261 -14.84 -2.17 -11.20
N ARG A 262 -14.80 -0.98 -11.83
CA ARG A 262 -15.65 -0.71 -12.96
C ARG A 262 -15.00 -1.33 -14.21
N ASP A 263 -15.79 -2.03 -15.02
CA ASP A 263 -15.28 -2.66 -16.23
C ASP A 263 -14.60 -1.67 -17.17
N GLY A 264 -13.52 -2.10 -17.82
CA GLY A 264 -12.81 -1.24 -18.73
C GLY A 264 -11.93 -0.20 -18.06
N LYS A 265 -11.91 -0.21 -16.73
CA LYS A 265 -11.11 0.72 -15.94
C LYS A 265 -10.06 -0.03 -15.13
N TYR A 266 -9.00 0.66 -14.71
CA TYR A 266 -7.97 0.00 -13.94
C TYR A 266 -7.44 0.90 -12.82
N GLY A 267 -6.91 0.27 -11.77
CA GLY A 267 -6.37 1.03 -10.67
C GLY A 267 -4.98 1.50 -11.07
N PHE A 268 -4.59 2.70 -10.64
CA PHE A 268 -3.27 3.21 -10.97
C PHE A 268 -2.39 3.29 -9.74
N TYR A 269 -1.13 2.88 -9.91
CA TYR A 269 -0.19 2.85 -8.81
C TYR A 269 1.09 3.66 -9.01
N THR A 270 1.61 4.22 -7.93
CA THR A 270 2.86 4.97 -8.04
C THR A 270 3.97 3.94 -8.26
N HIS A 271 4.83 4.18 -9.24
CA HIS A 271 5.92 3.25 -9.57
C HIS A 271 7.05 3.48 -8.57
N VAL A 272 7.11 2.62 -7.55
CA VAL A 272 8.09 2.74 -6.48
C VAL A 272 9.54 2.82 -6.94
N PHE A 273 9.99 1.88 -7.79
CA PHE A 273 11.38 1.94 -8.20
C PHE A 273 11.77 3.25 -8.91
N ARG A 274 10.92 3.73 -9.82
CA ARG A 274 11.22 4.96 -10.54
C ARG A 274 11.49 6.13 -9.60
N LEU A 275 11.00 6.04 -8.36
CA LEU A 275 11.20 7.11 -7.40
C LEU A 275 12.10 6.71 -6.23
N LYS A 276 12.83 5.63 -6.38
CA LYS A 276 13.70 5.14 -5.33
C LYS A 276 14.83 6.14 -5.01
N LYS A 277 15.25 6.91 -6.01
CA LYS A 277 16.31 7.90 -5.82
C LYS A 277 15.88 8.92 -4.77
N TRP A 278 14.65 9.40 -4.88
CA TRP A 278 14.14 10.37 -3.93
C TRP A 278 13.97 9.75 -2.55
N ILE A 279 13.58 8.48 -2.52
CA ILE A 279 13.39 7.77 -1.25
C ILE A 279 14.70 7.61 -0.49
N GLN A 280 15.73 7.10 -1.17
CA GLN A 280 17.03 6.90 -0.53
C GLN A 280 17.61 8.24 -0.10
N LYS A 281 17.44 9.26 -0.92
CA LYS A 281 17.96 10.59 -0.63
C LYS A 281 17.42 11.13 0.69
N VAL A 282 16.11 11.01 0.89
CA VAL A 282 15.48 11.50 2.12
C VAL A 282 15.91 10.70 3.35
N ILE A 283 15.93 9.38 3.22
CA ILE A 283 16.31 8.51 4.33
C ILE A 283 17.71 8.77 4.86
N ASP A 284 18.72 8.71 3.99
CA ASP A 284 20.08 8.95 4.47
C ASP A 284 20.48 10.42 4.51
N GLN A 285 19.52 11.29 4.81
CA GLN A 285 19.79 12.71 4.90
C GLN A 285 18.99 13.35 6.05
N PHE A 286 17.84 12.76 6.36
CA PHE A 286 17.00 13.29 7.43
C PHE A 286 16.87 12.30 8.60
N GLY A 287 17.49 11.13 8.46
CA GLY A 287 17.42 10.14 9.52
C GLY A 287 18.15 8.86 9.18
N ASP B 1 -17.15 4.41 13.86
CA ASP B 1 -17.34 3.17 14.67
C ASP B 1 -16.01 2.54 15.07
N PHE B 2 -15.07 3.38 15.47
CA PHE B 2 -13.75 2.91 15.88
C PHE B 2 -13.63 2.86 17.39
N GLU B 3 -13.08 1.75 17.90
CA GLU B 3 -12.89 1.56 19.33
C GLU B 3 -11.88 2.58 19.84
N GLU B 4 -12.19 3.19 20.97
CA GLU B 4 -11.30 4.18 21.57
C GLU B 4 -9.93 3.58 21.83
N ILE B 5 -8.89 4.33 21.49
CA ILE B 5 -7.52 3.87 21.71
C ILE B 5 -7.00 4.57 22.96
N PRO B 6 -5.99 3.97 23.62
CA PRO B 6 -5.42 4.54 24.83
C PRO B 6 -5.12 6.04 24.71
N GLU B 7 -5.30 6.76 25.80
CA GLU B 7 -5.06 8.20 25.81
C GLU B 7 -3.58 8.53 25.65
N GLU B 8 -2.72 7.61 26.08
CA GLU B 8 -1.28 7.80 25.99
C GLU B 8 -0.82 8.15 24.56
N LEU B 10 -3.00 9.41 22.10
CA LEU B 10 -3.71 10.62 21.69
C LEU B 10 -3.03 11.90 22.17
#